data_5UVV
#
_entry.id   5UVV
#
_cell.length_a   33.465
_cell.length_b   85.769
_cell.length_c   40.551
_cell.angle_alpha   90.00
_cell.angle_beta   111.40
_cell.angle_gamma   90.00
#
_symmetry.space_group_name_H-M   'P 1 21 1'
#
loop_
_entity.id
_entity.type
_entity.pdbx_description
1 polymer 'Bromodomain-containing protein 4'
2 non-polymer 7-(cyclopropylmethyl)-10-(ethylsulfonyl)-2-methyl-2,4,6,7-tetrahydro-3H-2,4,7-triazadibenzo[cd,f]azulen-3-one
3 water water
#
_entity_poly.entity_id   1
_entity_poly.type   'polypeptide(L)'
_entity_poly.pdbx_seq_one_letter_code
;SHMEQLKCCSGILKEMFAKKHAAYAWPFYKPVDVEALGLHDYCDIIKHPMDMSTIKSKLEAREYRDAQEFGADVRLMFSN
CYKYNPPDHEVVAMARKLQDVFEMRFAKM
;
_entity_poly.pdbx_strand_id   A,B
#
# COMPACT_ATOMS: atom_id res chain seq x y z
N SER A 1 15.88 -11.39 10.97
CA SER A 1 16.55 -11.96 9.81
C SER A 1 15.63 -12.08 8.59
N HIS A 2 16.23 -12.18 7.39
CA HIS A 2 15.51 -12.30 6.12
C HIS A 2 14.71 -13.61 5.99
N MET A 3 15.26 -14.72 6.51
CA MET A 3 14.61 -16.04 6.50
C MET A 3 13.34 -16.05 7.38
N GLU A 4 13.37 -15.30 8.50
CA GLU A 4 12.25 -15.17 9.44
C GLU A 4 11.13 -14.28 8.87
N GLN A 5 11.52 -13.17 8.19
CA GLN A 5 10.58 -12.23 7.55
C GLN A 5 9.74 -12.92 6.49
N LEU A 6 10.37 -13.76 5.64
CA LEU A 6 9.73 -14.52 4.57
C LEU A 6 8.70 -15.53 5.08
N LYS A 7 8.94 -16.08 6.29
CA LYS A 7 8.04 -17.03 6.97
C LYS A 7 6.73 -16.33 7.36
N CYS A 8 6.82 -15.07 7.83
CA CYS A 8 5.70 -14.22 8.21
C CYS A 8 4.89 -13.86 6.96
N CYS A 9 5.58 -13.64 5.83
CA CYS A 9 5.00 -13.31 4.52
C CYS A 9 4.14 -14.46 4.00
N SER A 10 4.56 -15.72 4.27
CA SER A 10 3.80 -16.93 3.91
C SER A 10 2.50 -16.97 4.70
N GLY A 11 2.55 -16.53 5.96
CA GLY A 11 1.41 -16.44 6.86
C GLY A 11 0.38 -15.43 6.39
N ILE A 12 0.84 -14.27 5.90
CA ILE A 12 -0.02 -13.21 5.36
C ILE A 12 -0.73 -13.74 4.10
N LEU A 13 0.04 -14.35 3.17
CA LEU A 13 -0.46 -14.93 1.93
C LEU A 13 -1.53 -16.00 2.18
N LYS A 14 -1.30 -16.87 3.18
CA LYS A 14 -2.20 -17.95 3.57
C LYS A 14 -3.54 -17.38 4.07
N GLU A 15 -3.48 -16.31 4.89
CA GLU A 15 -4.68 -15.64 5.41
C GLU A 15 -5.46 -14.96 4.29
N MET A 16 -4.74 -14.45 3.27
CA MET A 16 -5.35 -13.82 2.09
C MET A 16 -6.11 -14.84 1.22
N PHE A 17 -5.71 -16.15 1.31
CA PHE A 17 -6.31 -17.27 0.58
C PHE A 17 -7.44 -17.96 1.35
N ALA A 18 -7.54 -17.73 2.67
CA ALA A 18 -8.54 -18.33 3.56
C ALA A 18 -9.99 -18.00 3.16
N LYS A 19 -10.92 -18.92 3.51
CA LYS A 19 -12.37 -18.82 3.22
C LYS A 19 -13.03 -17.52 3.68
N LYS A 20 -12.57 -16.97 4.82
CA LYS A 20 -13.06 -15.73 5.44
C LYS A 20 -13.05 -14.55 4.45
N HIS A 21 -11.99 -14.45 3.62
CA HIS A 21 -11.83 -13.33 2.68
C HIS A 21 -12.17 -13.67 1.21
N ALA A 22 -12.55 -14.93 0.92
CA ALA A 22 -12.87 -15.45 -0.41
C ALA A 22 -13.84 -14.62 -1.25
N ALA A 23 -14.87 -14.01 -0.63
CA ALA A 23 -15.89 -13.18 -1.30
C ALA A 23 -15.34 -12.03 -2.13
N TYR A 24 -14.22 -11.42 -1.69
CA TYR A 24 -13.61 -10.29 -2.38
C TYR A 24 -12.18 -10.58 -2.89
N ALA A 25 -11.54 -11.62 -2.34
CA ALA A 25 -10.16 -12.00 -2.70
C ALA A 25 -10.05 -12.88 -3.95
N TRP A 26 -11.14 -13.59 -4.33
CA TRP A 26 -11.14 -14.53 -5.45
C TRP A 26 -10.67 -13.95 -6.81
N PRO A 27 -10.96 -12.68 -7.23
CA PRO A 27 -10.45 -12.23 -8.54
C PRO A 27 -8.93 -12.05 -8.61
N PHE A 28 -8.22 -12.22 -7.47
CA PHE A 28 -6.77 -12.05 -7.34
C PHE A 28 -6.02 -13.36 -7.14
N TYR A 29 -6.75 -14.48 -6.95
CA TYR A 29 -6.21 -15.82 -6.72
C TYR A 29 -5.26 -16.31 -7.80
N LYS A 30 -5.56 -16.02 -9.07
CA LYS A 30 -4.82 -16.49 -10.25
C LYS A 30 -4.63 -15.37 -11.28
N PRO A 31 -3.75 -15.52 -12.31
CA PRO A 31 -3.59 -14.43 -13.31
C PRO A 31 -4.89 -14.10 -14.04
N VAL A 32 -5.04 -12.82 -14.44
CA VAL A 32 -6.23 -12.33 -15.15
C VAL A 32 -6.30 -13.00 -16.53
N ASP A 33 -7.42 -13.67 -16.83
CA ASP A 33 -7.65 -14.33 -18.11
C ASP A 33 -8.16 -13.27 -19.08
N VAL A 34 -7.22 -12.62 -19.79
CA VAL A 34 -7.46 -11.52 -20.73
C VAL A 34 -8.43 -11.88 -21.87
N GLU A 35 -8.20 -13.01 -22.57
CA GLU A 35 -9.01 -13.45 -23.70
C GLU A 35 -10.42 -13.91 -23.31
N ALA A 36 -10.54 -14.64 -22.20
CA ALA A 36 -11.83 -15.16 -21.70
C ALA A 36 -12.75 -14.06 -21.15
N LEU A 37 -12.18 -13.00 -20.55
CA LEU A 37 -12.96 -11.90 -19.98
C LEU A 37 -13.19 -10.75 -20.97
N GLY A 38 -12.53 -10.83 -22.13
CA GLY A 38 -12.62 -9.83 -23.19
C GLY A 38 -11.92 -8.53 -22.85
N LEU A 39 -10.67 -8.62 -22.35
CA LEU A 39 -9.86 -7.46 -21.96
C LEU A 39 -8.59 -7.43 -22.82
N HIS A 40 -8.73 -6.94 -24.07
CA HIS A 40 -7.63 -6.84 -25.04
C HIS A 40 -6.65 -5.73 -24.66
N ASP A 41 -7.20 -4.61 -24.14
CA ASP A 41 -6.45 -3.41 -23.72
C ASP A 41 -5.57 -3.63 -22.48
N TYR A 42 -5.81 -4.72 -21.72
CA TYR A 42 -5.11 -5.05 -20.47
C TYR A 42 -3.60 -5.21 -20.63
N CYS A 43 -3.15 -5.91 -21.69
CA CYS A 43 -1.72 -6.12 -21.97
C CYS A 43 -0.99 -4.82 -22.37
N ASP A 44 -1.73 -3.86 -22.95
CA ASP A 44 -1.20 -2.56 -23.38
C ASP A 44 -1.07 -1.60 -22.19
N ILE A 45 -2.10 -1.57 -21.30
CA ILE A 45 -2.14 -0.69 -20.11
C ILE A 45 -1.29 -1.26 -18.96
N ILE A 46 -1.47 -2.55 -18.63
CA ILE A 46 -0.73 -3.23 -17.57
C ILE A 46 0.47 -3.96 -18.17
N LYS A 47 1.69 -3.41 -17.94
CA LYS A 47 2.94 -3.95 -18.46
C LYS A 47 3.51 -5.07 -17.58
N HIS A 48 3.23 -5.03 -16.27
CA HIS A 48 3.70 -6.04 -15.31
C HIS A 48 2.52 -6.64 -14.52
N PRO A 49 1.81 -7.68 -15.06
CA PRO A 49 0.69 -8.28 -14.31
C PRO A 49 1.20 -9.10 -13.12
N MET A 50 0.38 -9.22 -12.07
CA MET A 50 0.72 -9.94 -10.84
C MET A 50 -0.56 -10.46 -10.19
N ASP A 51 -0.45 -11.62 -9.51
CA ASP A 51 -1.56 -12.31 -8.83
C ASP A 51 -1.05 -13.10 -7.63
N MET A 52 -1.96 -13.56 -6.76
CA MET A 52 -1.64 -14.31 -5.54
C MET A 52 -0.94 -15.65 -5.80
N SER A 53 -1.29 -16.35 -6.90
CA SER A 53 -0.66 -17.61 -7.28
C SER A 53 0.79 -17.38 -7.71
N THR A 54 1.04 -16.35 -8.54
CA THR A 54 2.38 -15.96 -8.99
C THR A 54 3.26 -15.59 -7.78
N ILE A 55 2.71 -14.81 -6.81
CA ILE A 55 3.40 -14.40 -5.57
C ILE A 55 3.74 -15.65 -4.74
N LYS A 56 2.79 -16.60 -4.65
CA LYS A 56 2.97 -17.86 -3.91
C LYS A 56 4.07 -18.71 -4.58
N SER A 57 4.15 -18.68 -5.92
CA SER A 57 5.16 -19.41 -6.70
C SER A 57 6.54 -18.78 -6.51
N LYS A 58 6.61 -17.43 -6.54
CA LYS A 58 7.84 -16.64 -6.34
C LYS A 58 8.40 -16.82 -4.93
N LEU A 59 7.52 -16.96 -3.93
CA LEU A 59 7.87 -17.17 -2.53
C LEU A 59 8.49 -18.55 -2.34
N GLU A 60 7.89 -19.60 -2.96
CA GLU A 60 8.36 -20.98 -2.92
C GLU A 60 9.70 -21.15 -3.64
N ALA A 61 9.92 -20.37 -4.72
CA ALA A 61 11.15 -20.35 -5.52
C ALA A 61 12.22 -19.40 -4.93
N ARG A 62 11.88 -18.73 -3.81
CA ARG A 62 12.73 -17.77 -3.07
C ARG A 62 13.21 -16.60 -3.95
N GLU A 63 12.26 -15.97 -4.67
CA GLU A 63 12.51 -14.83 -5.55
C GLU A 63 12.54 -13.48 -4.80
N TYR A 64 12.14 -13.49 -3.50
CA TYR A 64 12.12 -12.30 -2.64
C TYR A 64 13.21 -12.43 -1.60
N ARG A 65 14.06 -11.40 -1.47
CA ARG A 65 15.14 -11.36 -0.48
C ARG A 65 14.60 -11.12 0.92
N ASP A 66 13.57 -10.25 1.04
CA ASP A 66 12.96 -9.88 2.32
C ASP A 66 11.47 -9.52 2.18
N ALA A 67 10.84 -9.10 3.29
CA ALA A 67 9.43 -8.70 3.39
C ALA A 67 9.08 -7.56 2.44
N GLN A 68 10.02 -6.62 2.20
CA GLN A 68 9.82 -5.47 1.30
C GLN A 68 9.62 -5.88 -0.15
N GLU A 69 10.39 -6.90 -0.62
CA GLU A 69 10.28 -7.42 -1.98
C GLU A 69 8.95 -8.15 -2.19
N PHE A 70 8.50 -8.90 -1.17
CA PHE A 70 7.21 -9.60 -1.14
C PHE A 70 6.10 -8.56 -1.17
N GLY A 71 6.22 -7.55 -0.30
CA GLY A 71 5.28 -6.44 -0.16
C GLY A 71 5.14 -5.63 -1.43
N ALA A 72 6.26 -5.47 -2.17
CA ALA A 72 6.31 -4.75 -3.45
C ALA A 72 5.45 -5.47 -4.50
N ASP A 73 5.49 -6.81 -4.52
CA ASP A 73 4.72 -7.64 -5.45
C ASP A 73 3.24 -7.67 -5.11
N VAL A 74 2.90 -7.70 -3.81
CA VAL A 74 1.51 -7.66 -3.35
C VAL A 74 0.87 -6.33 -3.72
N ARG A 75 1.60 -5.20 -3.51
CA ARG A 75 1.12 -3.86 -3.84
C ARG A 75 1.03 -3.61 -5.34
N LEU A 76 1.82 -4.34 -6.14
CA LEU A 76 1.81 -4.25 -7.62
C LEU A 76 0.48 -4.84 -8.13
N MET A 77 0.05 -5.95 -7.52
CA MET A 77 -1.21 -6.65 -7.84
C MET A 77 -2.37 -5.70 -7.62
N PHE A 78 -2.37 -4.93 -6.51
CA PHE A 78 -3.41 -3.95 -6.21
C PHE A 78 -3.31 -2.74 -7.12
N SER A 79 -2.08 -2.22 -7.37
CA SER A 79 -1.82 -1.07 -8.24
C SER A 79 -2.30 -1.29 -9.67
N ASN A 80 -2.13 -2.51 -10.20
CA ASN A 80 -2.59 -2.90 -11.54
C ASN A 80 -4.10 -2.83 -11.64
N CYS A 81 -4.81 -3.27 -10.58
CA CYS A 81 -6.27 -3.24 -10.50
C CYS A 81 -6.79 -1.80 -10.48
N TYR A 82 -6.10 -0.90 -9.74
CA TYR A 82 -6.49 0.51 -9.63
C TYR A 82 -6.23 1.29 -10.92
N LYS A 83 -5.16 0.96 -11.64
CA LYS A 83 -4.76 1.61 -12.89
C LYS A 83 -5.72 1.28 -14.04
N TYR A 84 -5.89 -0.02 -14.36
CA TYR A 84 -6.70 -0.49 -15.48
C TYR A 84 -8.21 -0.22 -15.34
N ASN A 85 -8.79 -0.53 -14.17
CA ASN A 85 -10.22 -0.39 -13.93
C ASN A 85 -10.65 1.00 -13.46
N PRO A 86 -11.88 1.46 -13.82
CA PRO A 86 -12.34 2.78 -13.33
C PRO A 86 -12.59 2.76 -11.81
N PRO A 87 -12.51 3.90 -11.09
CA PRO A 87 -12.71 3.87 -9.62
C PRO A 87 -14.05 3.32 -9.13
N ASP A 88 -15.11 3.44 -9.96
CA ASP A 88 -16.47 2.98 -9.67
C ASP A 88 -16.66 1.45 -9.78
N HIS A 89 -15.72 0.74 -10.42
CA HIS A 89 -15.76 -0.71 -10.66
C HIS A 89 -15.77 -1.55 -9.38
N GLU A 90 -16.47 -2.71 -9.44
CA GLU A 90 -16.61 -3.65 -8.32
C GLU A 90 -15.30 -4.31 -7.92
N VAL A 91 -14.42 -4.62 -8.89
CA VAL A 91 -13.12 -5.27 -8.63
C VAL A 91 -12.16 -4.33 -7.84
N VAL A 92 -12.35 -2.99 -7.96
CA VAL A 92 -11.56 -1.98 -7.25
C VAL A 92 -11.95 -2.00 -5.75
N ALA A 93 -13.27 -2.09 -5.46
CA ALA A 93 -13.80 -2.17 -4.09
C ALA A 93 -13.34 -3.48 -3.44
N MET A 94 -13.27 -4.57 -4.23
CA MET A 94 -12.80 -5.89 -3.81
C MET A 94 -11.30 -5.83 -3.49
N ALA A 95 -10.51 -5.15 -4.34
CA ALA A 95 -9.07 -4.94 -4.18
C ALA A 95 -8.78 -4.15 -2.90
N ARG A 96 -9.60 -3.11 -2.62
CA ARG A 96 -9.47 -2.26 -1.42
C ARG A 96 -9.72 -3.09 -0.15
N LYS A 97 -10.74 -3.99 -0.20
CA LYS A 97 -11.08 -4.87 0.92
C LYS A 97 -9.95 -5.88 1.19
N LEU A 98 -9.31 -6.37 0.12
CA LEU A 98 -8.20 -7.30 0.25
C LEU A 98 -6.93 -6.58 0.72
N GLN A 99 -6.68 -5.36 0.21
CA GLN A 99 -5.52 -4.55 0.62
C GLN A 99 -5.61 -4.16 2.09
N ASP A 100 -6.83 -3.89 2.61
CA ASP A 100 -7.04 -3.57 4.03
C ASP A 100 -6.59 -4.74 4.91
N VAL A 101 -6.90 -5.98 4.50
CA VAL A 101 -6.50 -7.23 5.19
C VAL A 101 -4.97 -7.32 5.16
N PHE A 102 -4.35 -7.17 3.96
CA PHE A 102 -2.89 -7.24 3.79
C PHE A 102 -2.14 -6.19 4.61
N GLU A 103 -2.50 -4.90 4.45
CA GLU A 103 -1.85 -3.78 5.16
C GLU A 103 -1.89 -3.92 6.67
N MET A 104 -2.98 -4.48 7.22
CA MET A 104 -3.14 -4.70 8.66
C MET A 104 -2.14 -5.76 9.17
N ARG A 105 -2.03 -6.90 8.45
CA ARG A 105 -1.11 -8.00 8.83
C ARG A 105 0.36 -7.68 8.54
N PHE A 106 0.64 -7.01 7.40
CA PHE A 106 1.99 -6.62 6.98
C PHE A 106 2.63 -5.58 7.89
N ALA A 107 1.81 -4.69 8.47
CA ALA A 107 2.27 -3.64 9.39
C ALA A 107 2.65 -4.20 10.75
N LYS A 108 1.92 -5.23 11.22
CA LYS A 108 2.11 -5.84 12.55
C LYS A 108 3.16 -6.96 12.59
N MET A 109 4.31 -6.76 11.92
CA MET A 109 5.43 -7.71 11.90
C MET A 109 6.80 -7.02 11.89
N SER B 1 11.87 8.59 -16.79
CA SER B 1 13.09 8.85 -16.03
C SER B 1 12.80 9.15 -14.55
N HIS B 2 13.84 9.11 -13.69
CA HIS B 2 13.74 9.36 -12.25
C HIS B 2 13.29 10.78 -11.91
N MET B 3 13.74 11.79 -12.70
CA MET B 3 13.38 13.19 -12.51
C MET B 3 11.91 13.47 -12.88
N GLU B 4 11.35 12.67 -13.82
CA GLU B 4 9.95 12.77 -14.24
C GLU B 4 9.03 12.15 -13.19
N GLN B 5 9.46 11.01 -12.59
CA GLN B 5 8.73 10.26 -11.58
C GLN B 5 8.52 11.07 -10.29
N LEU B 6 9.60 11.73 -9.79
CA LEU B 6 9.58 12.56 -8.57
C LEU B 6 8.68 13.78 -8.71
N LYS B 7 8.51 14.30 -9.94
CA LYS B 7 7.65 15.44 -10.26
C LYS B 7 6.18 15.04 -10.07
N CYS B 8 5.82 13.81 -10.50
CA CYS B 8 4.48 13.23 -10.35
C CYS B 8 4.18 13.01 -8.87
N CYS B 9 5.21 12.59 -8.09
CA CYS B 9 5.15 12.35 -6.64
C CYS B 9 4.81 13.63 -5.86
N SER B 10 5.27 14.80 -6.36
CA SER B 10 5.00 16.11 -5.75
C SER B 10 3.52 16.46 -5.88
N GLY B 11 2.94 16.14 -7.05
CA GLY B 11 1.53 16.37 -7.36
C GLY B 11 0.59 15.53 -6.52
N ILE B 12 0.98 14.27 -6.24
CA ILE B 12 0.22 13.34 -5.40
C ILE B 12 0.21 13.89 -3.97
N LEU B 13 1.40 14.32 -3.50
CA LEU B 13 1.63 14.91 -2.17
C LEU B 13 0.78 16.18 -2.01
N LYS B 14 0.73 17.02 -3.07
CA LYS B 14 -0.06 18.26 -3.14
C LYS B 14 -1.56 17.97 -3.01
N GLU B 15 -2.06 16.95 -3.74
CA GLU B 15 -3.47 16.54 -3.70
C GLU B 15 -3.83 15.99 -2.32
N MET B 16 -2.88 15.26 -1.67
CA MET B 16 -3.08 14.70 -0.32
C MET B 16 -3.21 15.82 0.75
N PHE B 17 -2.65 17.01 0.47
CA PHE B 17 -2.69 18.20 1.33
C PHE B 17 -3.88 19.12 1.05
N ALA B 18 -4.55 18.97 -0.12
CA ALA B 18 -5.70 19.78 -0.56
C ALA B 18 -6.89 19.71 0.39
N LYS B 19 -7.70 20.80 0.42
CA LYS B 19 -8.90 20.97 1.26
C LYS B 19 -9.91 19.83 1.14
N LYS B 20 -10.06 19.26 -0.06
CA LYS B 20 -10.98 18.15 -0.39
C LYS B 20 -10.79 16.94 0.54
N HIS B 21 -9.53 16.61 0.89
CA HIS B 21 -9.22 15.45 1.73
C HIS B 21 -8.89 15.78 3.20
N ALA B 22 -8.87 17.09 3.57
CA ALA B 22 -8.53 17.61 4.90
C ALA B 22 -9.21 16.93 6.09
N ALA B 23 -10.50 16.54 5.95
CA ALA B 23 -11.32 15.89 6.99
C ALA B 23 -10.71 14.62 7.58
N TYR B 24 -10.00 13.84 6.76
CA TYR B 24 -9.37 12.59 7.19
C TYR B 24 -7.84 12.59 7.08
N ALA B 25 -7.28 13.52 6.28
CA ALA B 25 -5.84 13.62 6.05
C ALA B 25 -5.07 14.39 7.12
N TRP B 26 -5.77 15.28 7.88
CA TRP B 26 -5.16 16.16 8.87
C TRP B 26 -4.31 15.45 9.95
N PRO B 27 -4.63 14.24 10.49
CA PRO B 27 -3.74 13.65 11.52
C PRO B 27 -2.38 13.19 10.98
N PHE B 28 -2.17 13.26 9.65
CA PHE B 28 -0.95 12.83 8.96
C PHE B 28 -0.10 13.99 8.43
N TYR B 29 -0.62 15.23 8.52
CA TYR B 29 0.02 16.46 8.04
C TYR B 29 1.41 16.72 8.62
N LYS B 30 1.58 16.43 9.93
CA LYS B 30 2.80 16.72 10.69
C LYS B 30 3.18 15.53 11.61
N PRO B 31 4.41 15.47 12.19
CA PRO B 31 4.74 14.34 13.09
C PRO B 31 3.80 14.22 14.29
N VAL B 32 3.57 12.97 14.75
CA VAL B 32 2.70 12.67 15.88
C VAL B 32 3.31 13.27 17.15
N ASP B 33 2.53 14.13 17.85
CA ASP B 33 2.95 14.76 19.11
C ASP B 33 2.64 13.77 20.23
N VAL B 34 3.62 12.89 20.54
CA VAL B 34 3.51 11.81 21.52
C VAL B 34 3.16 12.28 22.95
N GLU B 35 3.86 13.32 23.46
CA GLU B 35 3.64 13.84 24.81
C GLU B 35 2.32 14.59 24.98
N ALA B 36 1.94 15.40 23.98
CA ALA B 36 0.70 16.18 23.99
C ALA B 36 -0.57 15.33 23.86
N LEU B 37 -0.50 14.22 23.12
CA LEU B 37 -1.65 13.33 22.91
C LEU B 37 -1.75 12.20 23.94
N GLY B 38 -0.72 12.04 24.76
CA GLY B 38 -0.66 11.00 25.78
C GLY B 38 -0.41 9.62 25.22
N LEU B 39 0.34 9.53 24.10
CA LEU B 39 0.71 8.29 23.44
C LEU B 39 2.11 7.87 23.94
N HIS B 40 2.12 7.26 25.14
CA HIS B 40 3.28 6.81 25.90
C HIS B 40 4.17 5.80 25.18
N ASP B 41 3.63 4.61 24.84
CA ASP B 41 4.38 3.53 24.21
C ASP B 41 4.55 3.66 22.68
N TYR B 42 4.18 4.82 22.08
CA TYR B 42 4.35 5.06 20.64
C TYR B 42 5.81 4.92 20.19
N CYS B 43 6.76 5.47 20.96
CA CYS B 43 8.20 5.39 20.63
C CYS B 43 8.76 3.97 20.77
N ASP B 44 8.14 3.15 21.63
CA ASP B 44 8.53 1.75 21.85
C ASP B 44 8.00 0.83 20.75
N ILE B 45 6.73 1.03 20.33
CA ILE B 45 6.04 0.25 19.30
C ILE B 45 6.48 0.68 17.88
N ILE B 46 6.42 1.99 17.60
CA ILE B 46 6.81 2.58 16.32
C ILE B 46 8.27 3.02 16.36
N LYS B 47 9.15 2.26 15.69
CA LYS B 47 10.60 2.54 15.65
C LYS B 47 10.97 3.57 14.59
N HIS B 48 10.19 3.65 13.49
CA HIS B 48 10.43 4.60 12.39
C HIS B 48 9.18 5.45 12.11
N PRO B 49 8.96 6.57 12.85
CA PRO B 49 7.77 7.40 12.57
C PRO B 49 7.92 8.17 11.26
N MET B 50 6.78 8.49 10.61
CA MET B 50 6.76 9.19 9.31
C MET B 50 5.46 9.99 9.19
N ASP B 51 5.51 11.12 8.48
CA ASP B 51 4.37 12.03 8.26
C ASP B 51 4.51 12.76 6.93
N MET B 52 3.43 13.43 6.48
CA MET B 52 3.38 14.15 5.20
C MET B 52 4.36 15.32 5.10
N SER B 53 4.62 16.03 6.23
CA SER B 53 5.59 17.12 6.27
C SER B 53 7.02 16.60 6.09
N THR B 54 7.37 15.51 6.80
CA THR B 54 8.68 14.86 6.70
C THR B 54 8.92 14.37 5.26
N ILE B 55 7.89 13.75 4.63
CA ILE B 55 7.94 13.26 3.23
C ILE B 55 8.15 14.46 2.27
N LYS B 56 7.44 15.58 2.53
CA LYS B 56 7.55 16.80 1.73
C LYS B 56 8.98 17.40 1.87
N SER B 57 9.58 17.29 3.08
CA SER B 57 10.93 17.79 3.37
C SER B 57 11.97 16.91 2.66
N LYS B 58 11.78 15.57 2.72
CA LYS B 58 12.66 14.58 2.08
C LYS B 58 12.65 14.69 0.57
N LEU B 59 11.48 15.03 -0.01
CA LEU B 59 11.28 15.23 -1.46
C LEU B 59 12.03 16.48 -1.93
N GLU B 60 11.94 17.59 -1.16
CA GLU B 60 12.61 18.87 -1.44
C GLU B 60 14.13 18.73 -1.32
N ALA B 61 14.60 17.89 -0.37
CA ALA B 61 16.02 17.60 -0.13
C ALA B 61 16.57 16.49 -1.05
N ARG B 62 15.69 15.93 -1.92
CA ARG B 62 15.98 14.86 -2.90
C ARG B 62 16.53 13.59 -2.23
N GLU B 63 15.84 13.13 -1.17
CA GLU B 63 16.20 11.93 -0.41
C GLU B 63 15.66 10.64 -1.05
N TYR B 64 14.79 10.77 -2.08
CA TYR B 64 14.21 9.64 -2.83
C TYR B 64 14.81 9.60 -4.23
N ARG B 65 15.30 8.41 -4.63
CA ARG B 65 15.89 8.16 -5.95
C ARG B 65 14.81 8.11 -7.03
N ASP B 66 13.66 7.50 -6.70
CA ASP B 66 12.52 7.33 -7.62
C ASP B 66 11.18 7.25 -6.89
N ALA B 67 10.09 7.00 -7.64
CA ALA B 67 8.72 6.88 -7.16
C ALA B 67 8.56 5.79 -6.09
N GLN B 68 9.32 4.68 -6.21
CA GLN B 68 9.28 3.55 -5.27
C GLN B 68 9.75 3.93 -3.87
N GLU B 69 10.82 4.77 -3.78
CA GLU B 69 11.36 5.24 -2.50
C GLU B 69 10.39 6.20 -1.82
N PHE B 70 9.73 7.07 -2.61
CA PHE B 70 8.70 8.01 -2.15
C PHE B 70 7.51 7.20 -1.64
N GLY B 71 7.08 6.23 -2.46
CA GLY B 71 5.97 5.32 -2.17
C GLY B 71 6.20 4.51 -0.91
N ALA B 72 7.46 4.09 -0.66
CA ALA B 72 7.86 3.33 0.53
C ALA B 72 7.66 4.16 1.80
N ASP B 73 7.96 5.47 1.73
CA ASP B 73 7.78 6.39 2.86
C ASP B 73 6.32 6.72 3.13
N VAL B 74 5.51 6.85 2.07
CA VAL B 74 4.07 7.12 2.20
C VAL B 74 3.39 5.91 2.86
N ARG B 75 3.75 4.69 2.41
CA ARG B 75 3.20 3.45 2.95
C ARG B 75 3.65 3.15 4.38
N LEU B 76 4.82 3.68 4.78
CA LEU B 76 5.38 3.54 6.13
C LEU B 76 4.50 4.35 7.11
N MET B 77 4.08 5.55 6.68
CA MET B 77 3.21 6.45 7.43
C MET B 77 1.89 5.75 7.74
N PHE B 78 1.32 5.04 6.74
CA PHE B 78 0.07 4.29 6.91
C PHE B 78 0.30 3.05 7.76
N SER B 79 1.39 2.29 7.51
CA SER B 79 1.75 1.07 8.25
C SER B 79 1.93 1.32 9.75
N ASN B 80 2.52 2.46 10.12
CA ASN B 80 2.71 2.87 11.51
C ASN B 80 1.37 3.08 12.22
N CYS B 81 0.41 3.70 11.50
CA CYS B 81 -0.95 3.94 12.01
C CYS B 81 -1.70 2.63 12.24
N TYR B 82 -1.54 1.65 11.33
CA TYR B 82 -2.19 0.34 11.42
C TYR B 82 -1.62 -0.53 12.53
N LYS B 83 -0.30 -0.43 12.76
CA LYS B 83 0.41 -1.20 13.77
C LYS B 83 0.07 -0.76 15.20
N TYR B 84 0.29 0.54 15.52
CA TYR B 84 0.08 1.11 16.84
C TYR B 84 -1.37 1.14 17.32
N ASN B 85 -2.30 1.60 16.47
CA ASN B 85 -3.71 1.75 16.81
C ASN B 85 -4.55 0.49 16.60
N PRO B 86 -5.60 0.25 17.43
CA PRO B 86 -6.46 -0.93 17.20
C PRO B 86 -7.27 -0.79 15.91
N PRO B 87 -7.71 -1.91 15.25
CA PRO B 87 -8.45 -1.77 13.98
C PRO B 87 -9.74 -0.95 14.04
N ASP B 88 -10.40 -0.90 15.22
CA ASP B 88 -11.64 -0.17 15.48
C ASP B 88 -11.48 1.35 15.60
N HIS B 89 -10.23 1.84 15.80
CA HIS B 89 -9.90 3.26 15.97
C HIS B 89 -10.26 4.15 14.77
N GLU B 90 -10.63 5.41 15.06
CA GLU B 90 -11.02 6.40 14.06
C GLU B 90 -9.88 6.82 13.14
N VAL B 91 -8.64 6.91 13.67
CA VAL B 91 -7.45 7.31 12.90
C VAL B 91 -7.08 6.24 11.84
N VAL B 92 -7.46 4.96 12.07
CA VAL B 92 -7.22 3.85 11.13
C VAL B 92 -8.15 4.01 9.92
N ALA B 93 -9.43 4.35 10.16
CA ALA B 93 -10.43 4.60 9.11
C ALA B 93 -10.02 5.82 8.29
N MET B 94 -9.44 6.84 8.95
CA MET B 94 -8.94 8.07 8.34
C MET B 94 -7.72 7.74 7.45
N ALA B 95 -6.81 6.88 7.96
CA ALA B 95 -5.62 6.41 7.23
C ALA B 95 -6.01 5.64 5.98
N ARG B 96 -7.05 4.78 6.07
CA ARG B 96 -7.57 3.98 4.96
C ARG B 96 -8.14 4.88 3.88
N LYS B 97 -8.85 5.96 4.27
CA LYS B 97 -9.44 6.93 3.34
C LYS B 97 -8.35 7.72 2.63
N LEU B 98 -7.26 8.04 3.34
CA LEU B 98 -6.13 8.75 2.73
C LEU B 98 -5.31 7.83 1.84
N GLN B 99 -5.11 6.56 2.26
CA GLN B 99 -4.39 5.56 1.46
C GLN B 99 -5.11 5.27 0.14
N ASP B 100 -6.47 5.24 0.16
CA ASP B 100 -7.28 5.03 -1.05
C ASP B 100 -7.00 6.12 -2.08
N VAL B 101 -6.89 7.39 -1.62
CA VAL B 101 -6.58 8.56 -2.46
C VAL B 101 -5.17 8.38 -3.04
N PHE B 102 -4.18 8.05 -2.18
CA PHE B 102 -2.79 7.85 -2.58
C PHE B 102 -2.62 6.71 -3.59
N GLU B 103 -3.09 5.49 -3.26
CA GLU B 103 -2.95 4.31 -4.11
C GLU B 103 -3.54 4.50 -5.51
N MET B 104 -4.71 5.16 -5.61
CA MET B 104 -5.34 5.46 -6.89
C MET B 104 -4.43 6.36 -7.74
N ARG B 105 -3.98 7.49 -7.17
CA ARG B 105 -3.09 8.46 -7.83
C ARG B 105 -1.73 7.88 -8.19
N PHE B 106 -1.13 7.09 -7.29
CA PHE B 106 0.18 6.44 -7.45
C PHE B 106 0.19 5.43 -8.59
N ALA B 107 -0.92 4.68 -8.75
CA ALA B 107 -1.10 3.68 -9.80
C ALA B 107 -1.33 4.35 -11.17
N LYS B 108 -2.05 5.49 -11.17
CA LYS B 108 -2.40 6.27 -12.36
C LYS B 108 -1.23 6.95 -13.06
N MET B 109 -0.19 7.34 -12.29
CA MET B 109 0.98 8.02 -12.83
C MET B 109 2.04 7.04 -13.35
#